data_2YY6
#
_entry.id   2YY6
#
_cell.length_a   96.247
_cell.length_b   96.247
_cell.length_c   50.703
_cell.angle_alpha   90.00
_cell.angle_beta   90.00
_cell.angle_gamma   120.00
#
_symmetry.space_group_name_H-M   'P 31'
#
loop_
_entity.id
_entity.type
_entity.pdbx_description
1 polymer 'phosphoglycolate phosphatase'
2 non-polymer 'SULFATE ION'
3 water water
#
_entity_poly.entity_id   1
_entity_poly.type   'polypeptide(L)'
_entity_poly.pdbx_seq_one_letter_code
;(MSE)RVILFDLDGTLIDSAKDIALALEKTLKELGLEEYYPDNVTKYIGGGVRALLEKVLKDKFREEYVEVFRKHYLENP
VVYTKPYPEIPYTLEALKSKGFKLAVVSNKLEELSKKILDILNLSGYFDLIVGGDTFGEKKPSPTPVLKTLEILGEEPEK
ALIVGDTDADIEAGKRAGTKTALALWGYVKLNSQIPDFTLSRPSDLVKL(MSE)DNHIVEF
;
_entity_poly.pdbx_strand_id   A,B
#
# COMPACT_ATOMS: atom_id res chain seq x y z
N ARG A 2 11.45 -0.31 -4.30
CA ARG A 2 10.77 0.96 -4.38
C ARG A 2 9.61 0.80 -5.31
N VAL A 3 8.58 1.57 -5.04
CA VAL A 3 7.39 1.53 -5.84
C VAL A 3 7.29 2.84 -6.59
N ILE A 4 6.83 2.75 -7.83
CA ILE A 4 6.64 3.92 -8.66
C ILE A 4 5.20 3.81 -9.12
N LEU A 5 4.37 4.76 -8.73
CA LEU A 5 2.97 4.76 -9.11
C LEU A 5 2.83 5.83 -10.18
N PHE A 6 2.30 5.43 -11.34
CA PHE A 6 2.14 6.33 -12.49
C PHE A 6 0.69 6.72 -12.77
N ASP A 7 0.50 7.93 -13.29
CA ASP A 7 -0.83 8.33 -13.71
C ASP A 7 -0.88 7.70 -15.10
N LEU A 8 -2.07 7.62 -15.68
CA LEU A 8 -2.19 7.04 -17.01
C LEU A 8 -2.12 8.14 -18.07
N ASP A 9 -3.23 8.82 -18.31
CA ASP A 9 -3.23 9.85 -19.35
C ASP A 9 -2.30 11.02 -19.08
N GLY A 10 -1.75 11.55 -20.15
CA GLY A 10 -0.83 12.68 -20.05
C GLY A 10 0.48 12.36 -19.35
N THR A 11 0.66 11.11 -18.93
CA THR A 11 1.89 10.72 -18.26
C THR A 11 2.51 9.51 -18.96
N LEU A 12 1.78 8.41 -18.99
CA LEU A 12 2.24 7.21 -19.64
C LEU A 12 1.84 7.23 -21.10
N ILE A 13 0.61 7.65 -21.37
CA ILE A 13 0.10 7.65 -22.73
C ILE A 13 -0.36 9.02 -23.20
N ASP A 14 -0.19 9.26 -24.49
CA ASP A 14 -0.59 10.50 -25.13
C ASP A 14 -1.96 10.22 -25.77
N SER A 15 -3.01 10.34 -24.96
CA SER A 15 -4.39 10.06 -25.35
C SER A 15 -5.27 11.24 -25.75
N ALA A 16 -4.69 12.43 -25.83
CA ALA A 16 -5.43 13.65 -26.16
C ALA A 16 -6.30 13.55 -27.42
N LYS A 17 -5.69 13.16 -28.53
CA LYS A 17 -6.41 13.05 -29.79
C LYS A 17 -7.62 12.14 -29.70
N ASP A 18 -7.45 10.93 -29.16
CA ASP A 18 -8.59 10.03 -29.08
C ASP A 18 -9.68 10.63 -28.20
N ILE A 19 -9.28 11.22 -27.07
CA ILE A 19 -10.23 11.84 -26.16
C ILE A 19 -11.04 12.90 -26.90
N ALA A 20 -10.33 13.82 -27.58
CA ALA A 20 -11.00 14.89 -28.31
C ALA A 20 -11.97 14.34 -29.35
N LEU A 21 -11.60 13.25 -30.00
CA LEU A 21 -12.45 12.65 -31.02
C LEU A 21 -13.70 12.06 -30.40
N ALA A 22 -13.55 11.39 -29.28
CA ALA A 22 -14.69 10.77 -28.60
C ALA A 22 -15.65 11.86 -28.11
N LEU A 23 -15.09 12.99 -27.70
CA LEU A 23 -15.85 14.13 -27.22
C LEU A 23 -16.60 14.80 -28.36
N GLU A 24 -15.96 14.86 -29.52
CA GLU A 24 -16.56 15.47 -30.70
C GLU A 24 -17.77 14.61 -31.08
N LYS A 25 -17.58 13.29 -31.03
CA LYS A 25 -18.64 12.35 -31.34
C LYS A 25 -19.81 12.48 -30.36
N THR A 26 -19.51 12.47 -29.08
CA THR A 26 -20.55 12.57 -28.06
C THR A 26 -21.37 13.84 -28.24
N LEU A 27 -20.69 14.98 -28.34
CA LEU A 27 -21.36 16.25 -28.54
C LEU A 27 -22.24 16.25 -29.79
N LYS A 28 -21.74 15.68 -30.89
CA LYS A 28 -22.54 15.64 -32.12
C LYS A 28 -23.82 14.84 -31.91
N GLU A 29 -23.70 13.66 -31.29
CA GLU A 29 -24.86 12.82 -31.02
C GLU A 29 -25.85 13.50 -30.06
N LEU A 30 -25.31 14.15 -29.04
CA LEU A 30 -26.15 14.83 -28.05
C LEU A 30 -26.71 16.15 -28.54
N GLY A 31 -26.24 16.64 -29.68
CA GLY A 31 -26.72 17.89 -30.22
C GLY A 31 -26.08 19.11 -29.57
N LEU A 32 -24.86 18.94 -29.08
CA LEU A 32 -24.15 20.03 -28.40
C LEU A 32 -22.78 20.38 -28.99
N GLU A 33 -22.56 20.08 -30.27
CA GLU A 33 -21.26 20.37 -30.88
C GLU A 33 -20.83 21.83 -30.84
N GLU A 34 -21.76 22.74 -30.55
CA GLU A 34 -21.39 24.15 -30.51
C GLU A 34 -20.54 24.45 -29.27
N TYR A 35 -20.56 23.54 -28.30
CA TYR A 35 -19.78 23.73 -27.09
C TYR A 35 -18.41 23.08 -27.18
N TYR A 36 -18.12 22.44 -28.30
CA TYR A 36 -16.80 21.83 -28.46
C TYR A 36 -15.84 23.02 -28.34
N PRO A 37 -14.85 22.93 -27.44
CA PRO A 37 -13.91 24.05 -27.29
C PRO A 37 -12.94 24.31 -28.44
N ASP A 38 -12.45 25.54 -28.52
CA ASP A 38 -11.50 25.94 -29.56
C ASP A 38 -10.14 25.29 -29.32
N ASN A 39 -9.76 25.18 -28.05
CA ASN A 39 -8.50 24.59 -27.63
C ASN A 39 -8.87 23.53 -26.57
N VAL A 40 -9.16 22.32 -27.04
CA VAL A 40 -9.57 21.21 -26.18
C VAL A 40 -8.60 20.68 -25.13
N THR A 41 -7.29 20.75 -25.39
CA THR A 41 -6.30 20.22 -24.47
C THR A 41 -6.35 20.76 -23.04
N LYS A 42 -6.89 21.96 -22.87
CA LYS A 42 -6.97 22.55 -21.54
C LYS A 42 -8.23 22.04 -20.82
N TYR A 43 -8.87 21.03 -21.38
CA TYR A 43 -10.07 20.47 -20.79
C TYR A 43 -9.86 19.02 -20.39
N ILE A 44 -8.87 18.38 -20.99
CA ILE A 44 -8.56 16.98 -20.70
C ILE A 44 -7.76 16.89 -19.41
N GLY A 45 -8.34 16.32 -18.34
CA GLY A 45 -7.60 16.25 -17.08
C GLY A 45 -7.93 15.24 -15.98
N GLY A 46 -9.17 15.27 -15.45
CA GLY A 46 -9.51 14.35 -14.36
C GLY A 46 -10.67 13.37 -14.56
N GLY A 47 -10.77 12.78 -15.74
CA GLY A 47 -11.84 11.84 -16.00
C GLY A 47 -12.81 12.33 -17.05
N VAL A 48 -13.68 11.44 -17.48
CA VAL A 48 -14.69 11.78 -18.47
C VAL A 48 -15.69 12.80 -17.92
N ARG A 49 -16.09 12.60 -16.67
CA ARG A 49 -17.05 13.48 -16.02
C ARG A 49 -16.54 14.90 -15.85
N ALA A 50 -15.27 15.04 -15.46
CA ALA A 50 -14.69 16.35 -15.28
C ALA A 50 -14.52 17.10 -16.60
N LEU A 51 -14.30 16.36 -17.68
CA LEU A 51 -14.13 16.95 -19.00
C LEU A 51 -15.45 17.46 -19.57
N LEU A 52 -16.52 16.69 -19.38
CA LEU A 52 -17.84 17.07 -19.86
C LEU A 52 -18.38 18.21 -19.03
N GLU A 53 -17.99 18.22 -17.76
CA GLU A 53 -18.38 19.22 -16.78
C GLU A 53 -17.77 20.57 -17.19
N LYS A 54 -16.47 20.55 -17.49
CA LYS A 54 -15.74 21.75 -17.90
C LYS A 54 -16.20 22.26 -19.26
N VAL A 55 -16.65 21.34 -20.12
CA VAL A 55 -17.11 21.70 -21.45
C VAL A 55 -18.56 22.16 -21.47
N LEU A 56 -19.41 21.48 -20.74
CA LEU A 56 -20.83 21.83 -20.76
C LEU A 56 -21.30 22.81 -19.68
N LYS A 57 -20.58 22.88 -18.57
CA LYS A 57 -20.94 23.80 -17.50
C LYS A 57 -22.35 23.47 -16.96
N ASP A 58 -23.31 24.39 -17.06
CA ASP A 58 -24.65 24.07 -16.57
C ASP A 58 -25.43 23.16 -17.51
N LYS A 59 -24.94 22.98 -18.74
CA LYS A 59 -25.61 22.09 -19.70
C LYS A 59 -25.26 20.63 -19.40
N PHE A 60 -24.43 20.41 -18.39
CA PHE A 60 -24.02 19.07 -18.02
C PHE A 60 -25.16 18.21 -17.48
N ARG A 61 -25.20 16.96 -17.94
CA ARG A 61 -26.22 16.01 -17.51
C ARG A 61 -25.47 14.68 -17.30
N GLU A 62 -25.76 13.97 -16.22
CA GLU A 62 -25.06 12.71 -15.93
C GLU A 62 -25.13 11.63 -16.99
N GLU A 63 -26.27 11.51 -17.66
CA GLU A 63 -26.38 10.49 -18.70
C GLU A 63 -25.48 10.76 -19.89
N TYR A 64 -24.78 11.89 -19.87
CA TYR A 64 -23.89 12.22 -20.97
C TYR A 64 -22.57 11.47 -20.79
N VAL A 65 -22.16 11.35 -19.54
CA VAL A 65 -20.93 10.66 -19.20
C VAL A 65 -20.90 9.27 -19.80
N GLU A 66 -22.05 8.59 -19.73
CA GLU A 66 -22.17 7.23 -20.26
C GLU A 66 -22.20 7.23 -21.78
N VAL A 67 -22.60 8.34 -22.37
CA VAL A 67 -22.61 8.41 -23.82
C VAL A 67 -21.17 8.50 -24.26
N PHE A 68 -20.37 9.21 -23.47
CA PHE A 68 -18.95 9.38 -23.77
C PHE A 68 -18.19 8.08 -23.58
N ARG A 69 -18.42 7.40 -22.47
CA ARG A 69 -17.78 6.10 -22.20
C ARG A 69 -18.53 5.13 -23.07
N LYS A 70 -18.34 5.24 -24.37
CA LYS A 70 -19.06 4.38 -25.29
C LYS A 70 -18.44 4.66 -26.63
N HIS A 71 -18.62 5.90 -27.08
CA HIS A 71 -18.03 6.33 -28.32
C HIS A 71 -16.56 6.15 -28.09
N TYR A 72 -16.15 6.41 -26.85
CA TYR A 72 -14.75 6.26 -26.48
C TYR A 72 -14.58 4.90 -25.84
N LEU A 73 -14.47 3.88 -26.68
CA LEU A 73 -14.27 2.51 -26.25
C LEU A 73 -14.66 1.62 -27.41
N GLU A 74 -14.38 2.15 -28.60
CA GLU A 74 -14.64 1.47 -29.85
C GLU A 74 -13.64 2.19 -30.73
N ASN A 75 -12.80 2.95 -30.04
CA ASN A 75 -11.72 3.75 -30.59
C ASN A 75 -10.91 4.21 -29.38
N PRO A 76 -10.71 3.32 -28.39
CA PRO A 76 -9.94 3.72 -27.21
C PRO A 76 -8.49 3.94 -27.61
N VAL A 77 -8.10 3.33 -28.73
CA VAL A 77 -6.75 3.46 -29.22
C VAL A 77 -6.68 3.53 -30.74
N VAL A 78 -6.51 4.75 -31.24
CA VAL A 78 -6.39 4.95 -32.68
C VAL A 78 -5.13 5.76 -32.87
N TYR A 79 -5.07 6.93 -32.23
CA TYR A 79 -3.89 7.81 -32.31
C TYR A 79 -3.00 7.69 -31.08
N THR A 80 -3.57 7.17 -29.99
CA THR A 80 -2.88 7.01 -28.72
C THR A 80 -1.70 6.03 -28.74
N LYS A 81 -0.56 6.48 -28.22
CA LYS A 81 0.66 5.66 -28.12
C LYS A 81 1.36 6.04 -26.84
N PRO A 82 2.29 5.21 -26.36
CA PRO A 82 2.97 5.59 -25.13
C PRO A 82 3.89 6.75 -25.51
N TYR A 83 4.26 7.57 -24.55
CA TYR A 83 5.17 8.66 -24.83
C TYR A 83 6.54 8.08 -25.21
N PRO A 84 7.38 8.86 -25.91
CA PRO A 84 8.69 8.31 -26.27
C PRO A 84 9.46 7.98 -25.00
N GLU A 85 10.14 6.83 -25.00
CA GLU A 85 10.95 6.37 -23.86
C GLU A 85 10.20 5.61 -22.78
N ILE A 86 8.87 5.73 -22.73
CA ILE A 86 8.09 5.00 -21.73
C ILE A 86 8.26 3.48 -21.79
N PRO A 87 8.21 2.88 -23.00
CA PRO A 87 8.37 1.42 -23.02
C PRO A 87 9.72 1.01 -22.46
N TYR A 88 10.78 1.72 -22.84
CA TYR A 88 12.14 1.44 -22.36
C TYR A 88 12.22 1.61 -20.86
N THR A 89 11.57 2.66 -20.35
CA THR A 89 11.64 2.95 -18.93
C THR A 89 10.96 1.94 -18.02
N LEU A 90 9.80 1.45 -18.43
CA LEU A 90 9.05 0.46 -17.65
C LEU A 90 9.85 -0.84 -17.55
N GLU A 91 10.29 -1.33 -18.70
CA GLU A 91 11.08 -2.55 -18.79
C GLU A 91 12.35 -2.38 -17.99
N ALA A 92 12.98 -1.23 -18.12
CA ALA A 92 14.22 -0.96 -17.39
C ALA A 92 13.96 -0.95 -15.90
N LEU A 93 12.93 -0.23 -15.46
CA LEU A 93 12.63 -0.18 -14.05
C LEU A 93 12.24 -1.57 -13.53
N LYS A 94 11.44 -2.30 -14.29
CA LYS A 94 11.02 -3.62 -13.85
C LYS A 94 12.17 -4.61 -13.68
N SER A 95 13.12 -4.62 -14.62
CA SER A 95 14.25 -5.56 -14.54
C SER A 95 15.24 -5.23 -13.42
N LYS A 96 15.18 -4.01 -12.87
CA LYS A 96 16.07 -3.69 -11.77
C LYS A 96 15.33 -3.91 -10.44
N GLY A 97 14.22 -4.62 -10.51
CA GLY A 97 13.45 -4.95 -9.32
C GLY A 97 12.59 -3.90 -8.62
N PHE A 98 11.87 -3.10 -9.41
CA PHE A 98 10.98 -2.08 -8.87
C PHE A 98 9.54 -2.48 -9.13
N LYS A 99 8.69 -2.31 -8.12
CA LYS A 99 7.29 -2.63 -8.29
C LYS A 99 6.73 -1.41 -9.00
N LEU A 100 5.96 -1.64 -10.05
CA LEU A 100 5.36 -0.56 -10.82
C LEU A 100 3.85 -0.69 -10.77
N ALA A 101 3.15 0.44 -10.82
CA ALA A 101 1.70 0.40 -10.80
C ALA A 101 1.09 1.67 -11.39
N VAL A 102 -0.07 1.51 -12.01
CA VAL A 102 -0.81 2.62 -12.60
C VAL A 102 -1.98 3.03 -11.71
N VAL A 103 -1.85 4.14 -10.99
CA VAL A 103 -2.93 4.64 -10.14
C VAL A 103 -3.57 5.80 -10.90
N SER A 104 -4.68 5.54 -11.58
CA SER A 104 -5.35 6.58 -12.36
C SER A 104 -6.78 6.86 -11.88
N ASN A 105 -7.35 7.93 -12.43
CA ASN A 105 -8.72 8.32 -12.12
C ASN A 105 -9.59 8.09 -13.36
N LYS A 106 -9.28 7.01 -14.06
CA LYS A 106 -10.03 6.61 -15.24
C LYS A 106 -10.49 5.18 -14.92
N LEU A 107 -11.68 4.81 -15.39
CA LEU A 107 -12.25 3.48 -15.19
C LEU A 107 -11.16 2.38 -15.15
N GLU A 108 -11.13 1.60 -14.07
CA GLU A 108 -10.12 0.54 -13.91
C GLU A 108 -10.20 -0.61 -14.89
N GLU A 109 -11.40 -0.85 -15.42
CA GLU A 109 -11.63 -1.91 -16.37
C GLU A 109 -11.09 -1.45 -17.71
N LEU A 110 -11.06 -0.13 -17.90
CA LEU A 110 -10.57 0.47 -19.12
C LEU A 110 -9.07 0.73 -19.03
N SER A 111 -8.59 1.02 -17.83
CA SER A 111 -7.17 1.25 -17.64
C SER A 111 -6.40 0.00 -18.02
N LYS A 112 -6.99 -1.17 -17.77
CA LYS A 112 -6.35 -2.43 -18.11
C LYS A 112 -6.46 -2.66 -19.61
N LYS A 113 -7.54 -2.18 -20.22
CA LYS A 113 -7.74 -2.37 -21.65
C LYS A 113 -6.82 -1.58 -22.56
N ILE A 114 -6.75 -0.27 -22.37
CA ILE A 114 -5.90 0.56 -23.23
C ILE A 114 -4.44 0.12 -23.16
N LEU A 115 -4.02 -0.35 -21.99
CA LEU A 115 -2.65 -0.81 -21.78
C LEU A 115 -2.39 -2.16 -22.45
N ASP A 116 -3.41 -3.01 -22.51
CA ASP A 116 -3.29 -4.32 -23.15
C ASP A 116 -3.04 -4.07 -24.64
N ILE A 117 -3.78 -3.12 -25.19
CA ILE A 117 -3.67 -2.77 -26.59
C ILE A 117 -2.34 -2.11 -26.92
N LEU A 118 -1.67 -1.54 -25.92
CA LEU A 118 -0.38 -0.89 -26.14
C LEU A 118 0.78 -1.74 -25.62
N ASN A 119 0.49 -2.94 -25.15
CA ASN A 119 1.51 -3.85 -24.63
C ASN A 119 2.32 -3.30 -23.47
N LEU A 120 1.67 -2.62 -22.54
CA LEU A 120 2.38 -2.06 -21.38
C LEU A 120 1.92 -2.73 -20.10
N SER A 121 0.75 -3.36 -20.17
CA SER A 121 0.15 -4.05 -19.03
C SER A 121 1.11 -4.89 -18.18
N GLY A 122 1.89 -5.73 -18.85
CA GLY A 122 2.80 -6.63 -18.16
C GLY A 122 3.87 -6.07 -17.25
N TYR A 123 4.21 -4.79 -17.39
CA TYR A 123 5.24 -4.21 -16.53
C TYR A 123 4.73 -3.85 -15.15
N PHE A 124 3.42 -3.69 -15.04
CA PHE A 124 2.80 -3.29 -13.77
C PHE A 124 2.37 -4.38 -12.81
N ASP A 125 2.90 -4.33 -11.59
CA ASP A 125 2.55 -5.28 -10.54
C ASP A 125 1.09 -5.05 -10.10
N LEU A 126 0.45 -3.98 -10.58
CA LEU A 126 -0.94 -3.66 -10.24
C LEU A 126 -1.46 -2.46 -11.05
N ILE A 127 -2.74 -2.47 -11.41
CA ILE A 127 -3.32 -1.39 -12.20
C ILE A 127 -4.59 -0.77 -11.59
N VAL A 128 -4.42 0.02 -10.54
CA VAL A 128 -5.55 0.69 -9.88
C VAL A 128 -6.18 1.72 -10.84
N GLY A 129 -7.50 1.85 -10.77
CA GLY A 129 -8.20 2.77 -11.66
C GLY A 129 -9.19 3.76 -11.04
N GLY A 130 -9.84 4.51 -11.91
CA GLY A 130 -10.80 5.52 -11.49
C GLY A 130 -11.87 5.06 -10.52
N ASP A 131 -12.23 3.78 -10.60
CA ASP A 131 -13.25 3.24 -9.71
C ASP A 131 -12.70 2.22 -8.72
N THR A 132 -11.74 1.42 -9.18
CA THR A 132 -11.13 0.38 -8.36
C THR A 132 -11.66 0.33 -6.94
N PHE A 133 -11.10 1.12 -6.02
CA PHE A 133 -11.62 1.01 -4.66
C PHE A 133 -12.09 2.17 -3.79
N GLY A 134 -13.28 2.67 -4.10
CA GLY A 134 -13.92 3.69 -3.28
C GLY A 134 -13.65 5.18 -3.41
N GLU A 135 -12.44 5.57 -3.78
CA GLU A 135 -12.14 6.99 -3.87
C GLU A 135 -11.12 7.31 -4.93
N LYS A 136 -11.29 8.47 -5.56
CA LYS A 136 -10.35 8.90 -6.59
C LYS A 136 -9.39 9.88 -5.95
N LYS A 137 -8.29 10.17 -6.62
CA LYS A 137 -7.37 11.15 -6.09
C LYS A 137 -8.23 12.42 -6.23
N PRO A 138 -7.90 13.51 -5.53
CA PRO A 138 -6.76 13.73 -4.64
C PRO A 138 -6.59 13.13 -3.27
N SER A 139 -6.59 11.80 -3.13
CA SER A 139 -6.24 11.21 -1.83
C SER A 139 -7.09 10.54 -0.80
N PRO A 140 -6.46 9.60 -0.08
CA PRO A 140 -5.06 9.22 -0.33
C PRO A 140 -5.16 7.71 -0.28
N THR A 141 -6.42 7.29 -0.19
CA THR A 141 -6.80 5.89 -0.10
C THR A 141 -6.41 5.08 -1.33
N PRO A 142 -6.51 5.67 -2.54
CA PRO A 142 -6.13 4.89 -3.73
C PRO A 142 -4.65 4.56 -3.69
N VAL A 143 -3.86 5.47 -3.14
CA VAL A 143 -2.42 5.31 -3.05
C VAL A 143 -1.99 4.49 -1.84
N LEU A 144 -2.74 4.55 -0.75
CA LEU A 144 -2.38 3.79 0.43
C LEU A 144 -2.81 2.33 0.30
N LYS A 145 -3.96 2.11 -0.32
CA LYS A 145 -4.47 0.75 -0.50
C LYS A 145 -3.61 0.05 -1.55
N THR A 146 -3.21 0.83 -2.55
CA THR A 146 -2.39 0.35 -3.65
C THR A 146 -1.01 0.00 -3.17
N LEU A 147 -0.60 0.56 -2.04
CA LEU A 147 0.73 0.34 -1.50
C LEU A 147 0.74 -0.79 -0.48
N GLU A 148 -0.43 -1.05 0.11
CA GLU A 148 -0.58 -2.11 1.09
C GLU A 148 -0.66 -3.42 0.32
N ILE A 149 -1.42 -3.38 -0.78
CA ILE A 149 -1.59 -4.53 -1.65
C ILE A 149 -0.27 -4.82 -2.39
N LEU A 150 0.81 -4.15 -1.95
CA LEU A 150 2.12 -4.32 -2.56
C LEU A 150 3.26 -4.59 -1.58
N GLY A 151 3.06 -4.23 -0.30
CA GLY A 151 4.08 -4.49 0.69
C GLY A 151 5.14 -3.41 0.90
N GLU A 152 4.80 -2.17 0.58
CA GLU A 152 5.76 -1.07 0.72
C GLU A 152 5.20 0.12 1.50
N GLU A 153 6.07 0.77 2.25
CA GLU A 153 5.70 1.94 3.01
C GLU A 153 5.66 3.13 2.07
N PRO A 154 4.84 4.14 2.39
CA PRO A 154 4.78 5.30 1.50
C PRO A 154 6.16 5.91 1.30
N GLU A 155 6.99 5.87 2.34
CA GLU A 155 8.33 6.44 2.28
C GLU A 155 9.26 5.81 1.23
N LYS A 156 8.77 4.82 0.51
CA LYS A 156 9.55 4.13 -0.53
C LYS A 156 8.86 4.26 -1.89
N ALA A 157 7.78 5.03 -1.97
CA ALA A 157 7.04 5.18 -3.21
C ALA A 157 7.21 6.54 -3.90
N LEU A 158 6.93 6.54 -5.20
CA LEU A 158 7.04 7.76 -6.00
C LEU A 158 5.85 7.85 -6.93
N ILE A 159 5.12 8.96 -6.82
CA ILE A 159 3.98 9.17 -7.69
C ILE A 159 4.53 9.99 -8.83
N VAL A 160 4.26 9.57 -10.06
CA VAL A 160 4.70 10.30 -11.24
C VAL A 160 3.43 10.66 -11.99
N GLY A 161 3.12 11.97 -12.01
CA GLY A 161 1.92 12.45 -12.68
C GLY A 161 1.98 13.91 -13.09
N ASP A 162 0.84 14.48 -13.45
CA ASP A 162 0.79 15.86 -13.90
C ASP A 162 -0.27 16.78 -13.30
N THR A 163 -0.99 16.33 -12.28
CA THR A 163 -2.08 17.13 -11.70
C THR A 163 -1.85 17.53 -10.24
N ASP A 164 -2.57 18.56 -9.78
CA ASP A 164 -2.47 18.98 -8.38
C ASP A 164 -2.89 17.82 -7.48
N ALA A 165 -3.82 17.03 -7.99
CA ALA A 165 -4.37 15.87 -7.29
C ALA A 165 -3.33 14.80 -6.98
N ASP A 166 -2.40 14.57 -7.92
CA ASP A 166 -1.36 13.56 -7.72
C ASP A 166 -0.42 13.97 -6.61
N ILE A 167 -0.04 15.25 -6.62
CA ILE A 167 0.87 15.80 -5.64
C ILE A 167 0.25 15.82 -4.23
N GLU A 168 -1.05 16.09 -4.16
CA GLU A 168 -1.74 16.12 -2.89
C GLU A 168 -1.85 14.71 -2.31
N ALA A 169 -2.20 13.78 -3.19
CA ALA A 169 -2.33 12.37 -2.82
C ALA A 169 -1.05 11.86 -2.19
N GLY A 170 0.08 12.05 -2.89
CA GLY A 170 1.33 11.58 -2.37
C GLY A 170 1.69 12.29 -1.08
N LYS A 171 1.41 13.59 -1.05
CA LYS A 171 1.70 14.41 0.11
C LYS A 171 0.88 13.91 1.29
N ARG A 172 -0.41 13.68 1.06
CA ARG A 172 -1.25 13.23 2.15
C ARG A 172 -0.94 11.77 2.48
N ALA A 173 -0.59 10.98 1.46
CA ALA A 173 -0.29 9.56 1.65
C ALA A 173 1.10 9.30 2.19
N GLY A 174 1.98 10.29 2.08
CA GLY A 174 3.33 10.12 2.60
C GLY A 174 4.37 9.71 1.57
N THR A 175 4.02 9.72 0.29
CA THR A 175 4.97 9.34 -0.75
C THR A 175 5.75 10.55 -1.29
N LYS A 176 6.58 10.29 -2.30
CA LYS A 176 7.33 11.33 -2.98
C LYS A 176 6.52 11.60 -4.24
N THR A 177 6.73 12.76 -4.83
CA THR A 177 6.04 13.13 -6.05
C THR A 177 7.00 13.74 -7.07
N ALA A 178 6.74 13.48 -8.34
CA ALA A 178 7.59 13.98 -9.39
C ALA A 178 6.70 14.43 -10.54
N LEU A 179 7.01 15.56 -11.14
CA LEU A 179 6.23 16.03 -12.28
C LEU A 179 6.78 15.42 -13.57
N ALA A 180 5.90 14.85 -14.38
CA ALA A 180 6.33 14.29 -15.66
C ALA A 180 6.29 15.44 -16.65
N LEU A 181 7.40 16.17 -16.77
CA LEU A 181 7.45 17.33 -17.66
C LEU A 181 7.13 17.01 -19.12
N TRP A 182 7.44 15.79 -19.56
CA TRP A 182 7.17 15.36 -20.94
C TRP A 182 5.68 15.18 -21.20
N GLY A 183 4.91 14.97 -20.14
CA GLY A 183 3.49 14.75 -20.31
C GLY A 183 2.69 16.00 -20.50
N TYR A 184 1.40 15.93 -20.19
CA TYR A 184 0.60 17.13 -20.33
C TYR A 184 0.45 17.74 -18.94
N VAL A 185 1.30 18.72 -18.68
CA VAL A 185 1.33 19.42 -17.41
C VAL A 185 0.02 20.15 -17.13
N LYS A 186 -0.60 19.86 -15.99
CA LYS A 186 -1.84 20.50 -15.61
C LYS A 186 -1.75 21.06 -14.20
N LEU A 187 -0.54 21.09 -13.64
CA LEU A 187 -0.35 21.60 -12.30
C LEU A 187 -0.92 22.99 -12.19
N ASN A 188 -1.39 23.35 -11.00
CA ASN A 188 -1.90 24.68 -10.81
C ASN A 188 -1.13 25.32 -9.68
N SER A 189 -1.40 24.90 -8.44
CA SER A 189 -0.70 25.49 -7.31
C SER A 189 0.29 24.58 -6.61
N GLN A 190 0.24 23.29 -6.91
CA GLN A 190 1.12 22.33 -6.26
C GLN A 190 2.57 22.27 -6.75
N ILE A 191 3.44 21.77 -5.89
CA ILE A 191 4.85 21.63 -6.20
C ILE A 191 5.28 20.22 -5.81
N PRO A 192 5.87 19.46 -6.74
CA PRO A 192 6.33 18.10 -6.51
C PRO A 192 7.73 18.12 -5.93
N ASP A 193 8.19 16.96 -5.47
CA ASP A 193 9.52 16.83 -4.93
C ASP A 193 10.57 16.90 -6.05
N PHE A 194 10.26 16.26 -7.18
CA PHE A 194 11.17 16.24 -8.32
C PHE A 194 10.47 16.65 -9.62
N THR A 195 11.30 16.79 -10.65
CA THR A 195 10.86 17.13 -11.98
C THR A 195 11.54 16.15 -12.91
N LEU A 196 10.78 15.45 -13.71
CA LEU A 196 11.37 14.50 -14.65
C LEU A 196 11.13 15.08 -16.02
N SER A 197 12.19 15.46 -16.73
CA SER A 197 11.97 16.04 -18.04
C SER A 197 11.78 14.98 -19.11
N ARG A 198 12.32 13.79 -18.87
CA ARG A 198 12.22 12.67 -19.80
C ARG A 198 11.94 11.39 -19.02
N PRO A 199 11.21 10.44 -19.62
CA PRO A 199 10.94 9.19 -18.89
C PRO A 199 12.22 8.47 -18.47
N SER A 200 13.24 8.50 -19.32
CA SER A 200 14.48 7.80 -19.03
C SER A 200 15.18 8.42 -17.82
N ASP A 201 14.89 9.69 -17.54
CA ASP A 201 15.47 10.35 -16.38
C ASP A 201 15.01 9.62 -15.14
N LEU A 202 13.92 8.86 -15.27
CA LEU A 202 13.40 8.09 -14.12
C LEU A 202 14.39 7.01 -13.80
N VAL A 203 14.85 6.33 -14.85
CA VAL A 203 15.83 5.27 -14.67
C VAL A 203 17.01 5.91 -13.95
N LYS A 204 17.43 7.10 -14.42
CA LYS A 204 18.53 7.82 -13.80
C LYS A 204 18.23 8.13 -12.34
N LEU A 205 17.13 8.84 -12.11
CA LEU A 205 16.74 9.20 -10.75
C LEU A 205 16.86 8.00 -9.80
N ASP A 207 18.97 5.57 -9.59
CA ASP A 207 20.29 5.01 -9.81
C ASP A 207 21.09 5.58 -8.63
N ASN A 208 22.32 5.11 -8.45
CA ASN A 208 23.20 5.59 -7.38
C ASN A 208 24.26 4.58 -6.95
N ARG B 2 13.16 -26.66 13.21
CA ARG B 2 14.02 -26.22 14.28
C ARG B 2 14.14 -24.69 14.48
N VAL B 3 13.50 -23.92 13.62
CA VAL B 3 13.48 -22.46 13.76
C VAL B 3 12.01 -22.02 13.85
N ILE B 4 11.74 -21.04 14.69
CA ILE B 4 10.37 -20.56 14.85
C ILE B 4 10.34 -19.05 14.86
N LEU B 5 9.63 -18.49 13.88
CA LEU B 5 9.51 -17.06 13.75
C LEU B 5 8.13 -16.67 14.28
N PHE B 6 8.14 -15.72 15.22
CA PHE B 6 6.92 -15.25 15.89
C PHE B 6 6.44 -13.87 15.47
N ASP B 7 5.14 -13.68 15.48
CA ASP B 7 4.54 -12.39 15.22
C ASP B 7 4.65 -11.76 16.61
N LEU B 8 4.70 -10.44 16.73
CA LEU B 8 4.77 -9.84 18.05
C LEU B 8 3.36 -9.56 18.58
N ASP B 9 2.78 -8.44 18.18
CA ASP B 9 1.44 -8.08 18.64
C ASP B 9 0.43 -9.17 18.33
N GLY B 10 -0.49 -9.38 19.25
CA GLY B 10 -1.52 -10.39 19.07
C GLY B 10 -1.08 -11.83 19.12
N THR B 11 0.23 -12.07 19.14
CA THR B 11 0.77 -13.44 19.21
C THR B 11 1.58 -13.64 20.50
N LEU B 12 2.69 -12.93 20.65
CA LEU B 12 3.53 -13.01 21.85
C LEU B 12 3.04 -12.11 22.98
N ILE B 13 2.53 -10.93 22.63
CA ILE B 13 2.06 -10.00 23.63
C ILE B 13 0.65 -9.48 23.38
N ASP B 14 -0.07 -9.23 24.47
CA ASP B 14 -1.43 -8.68 24.40
C ASP B 14 -1.24 -7.16 24.56
N SER B 15 -1.19 -6.45 23.44
CA SER B 15 -0.98 -5.01 23.45
C SER B 15 -2.14 -4.11 23.02
N ALA B 16 -3.33 -4.69 22.83
CA ALA B 16 -4.49 -3.93 22.38
C ALA B 16 -4.78 -2.70 23.25
N LYS B 17 -4.72 -2.88 24.57
CA LYS B 17 -4.99 -1.78 25.49
C LYS B 17 -4.05 -0.60 25.27
N ASP B 18 -2.75 -0.83 25.43
CA ASP B 18 -1.81 0.26 25.24
C ASP B 18 -1.97 0.92 23.88
N ILE B 19 -2.17 0.13 22.83
CA ILE B 19 -2.37 0.65 21.49
C ILE B 19 -3.61 1.56 21.47
N ALA B 20 -4.76 1.02 21.89
CA ALA B 20 -5.98 1.80 21.92
C ALA B 20 -5.74 3.10 22.67
N LEU B 21 -4.92 3.01 23.72
CA LEU B 21 -4.60 4.18 24.52
C LEU B 21 -3.87 5.25 23.71
N ALA B 22 -2.75 4.88 23.11
CA ALA B 22 -1.99 5.81 22.30
C ALA B 22 -2.85 6.42 21.18
N LEU B 23 -3.70 5.59 20.58
CA LEU B 23 -4.60 6.01 19.51
C LEU B 23 -5.55 7.10 20.01
N GLU B 24 -6.13 6.84 21.18
CA GLU B 24 -7.06 7.76 21.83
C GLU B 24 -6.38 9.09 22.05
N LYS B 25 -5.13 9.05 22.51
CA LYS B 25 -4.33 10.24 22.76
C LYS B 25 -3.95 10.98 21.48
N THR B 26 -3.55 10.23 20.46
CA THR B 26 -3.17 10.84 19.20
C THR B 26 -4.37 11.56 18.58
N LEU B 27 -5.48 10.86 18.45
CA LEU B 27 -6.68 11.45 17.90
C LEU B 27 -7.06 12.71 18.68
N LYS B 28 -6.98 12.64 20.00
CA LYS B 28 -7.31 13.77 20.87
C LYS B 28 -6.45 15.00 20.58
N GLU B 29 -5.16 14.78 20.33
CA GLU B 29 -4.23 15.86 20.04
C GLU B 29 -4.42 16.43 18.64
N LEU B 30 -4.94 15.63 17.72
CA LEU B 30 -5.16 16.06 16.35
C LEU B 30 -6.55 16.66 16.14
N GLY B 31 -7.42 16.52 17.13
CA GLY B 31 -8.77 17.04 17.02
C GLY B 31 -9.62 16.09 16.19
N LEU B 32 -9.24 14.82 16.19
CA LEU B 32 -9.95 13.80 15.41
C LEU B 32 -10.59 12.76 16.32
N GLU B 33 -10.94 13.17 17.53
CA GLU B 33 -11.53 12.26 18.50
C GLU B 33 -12.79 11.53 18.05
N GLU B 34 -13.61 12.19 17.25
CA GLU B 34 -14.85 11.58 16.78
C GLU B 34 -14.64 10.27 16.03
N TYR B 35 -13.48 10.10 15.42
CA TYR B 35 -13.25 8.89 14.64
C TYR B 35 -12.73 7.71 15.43
N TYR B 36 -12.60 7.86 16.74
CA TYR B 36 -12.14 6.75 17.55
C TYR B 36 -13.25 5.69 17.37
N PRO B 37 -12.87 4.43 17.16
CA PRO B 37 -13.80 3.30 16.94
C PRO B 37 -14.67 2.82 18.11
N ASP B 38 -15.89 2.42 17.80
CA ASP B 38 -16.81 1.89 18.82
C ASP B 38 -16.20 0.60 19.39
N ASN B 39 -15.67 -0.23 18.49
CA ASN B 39 -15.02 -1.47 18.88
C ASN B 39 -13.66 -1.46 18.18
N VAL B 40 -12.66 -0.94 18.88
CA VAL B 40 -11.30 -0.77 18.38
C VAL B 40 -10.42 -1.97 18.03
N THR B 41 -10.65 -3.10 18.69
CA THR B 41 -9.82 -4.28 18.45
C THR B 41 -9.79 -4.81 17.02
N LYS B 42 -10.74 -4.38 16.20
CA LYS B 42 -10.75 -4.83 14.80
C LYS B 42 -9.93 -3.87 13.95
N TYR B 43 -9.35 -2.87 14.60
CA TYR B 43 -8.52 -1.90 13.90
C TYR B 43 -7.05 -2.13 14.15
N ILE B 44 -6.76 -2.80 15.27
CA ILE B 44 -5.39 -3.11 15.65
C ILE B 44 -4.92 -4.33 14.86
N GLY B 45 -3.95 -4.16 13.97
CA GLY B 45 -3.50 -5.30 13.19
C GLY B 45 -2.15 -5.29 12.47
N GLY B 46 -1.93 -4.34 11.55
CA GLY B 46 -0.67 -4.34 10.83
C GLY B 46 0.24 -3.13 10.95
N GLY B 47 0.40 -2.59 12.15
CA GLY B 47 1.27 -1.44 12.32
C GLY B 47 0.51 -0.14 12.55
N VAL B 48 1.25 0.87 13.00
CA VAL B 48 0.68 2.16 13.28
C VAL B 48 0.01 2.77 12.07
N ARG B 49 0.68 2.73 10.93
CA ARG B 49 0.14 3.31 9.70
C ARG B 49 -1.16 2.65 9.28
N ALA B 50 -1.18 1.32 9.27
CA ALA B 50 -2.36 0.56 8.88
C ALA B 50 -3.53 0.82 9.84
N LEU B 51 -3.22 1.04 11.12
CA LEU B 51 -4.24 1.31 12.12
C LEU B 51 -4.88 2.66 11.86
N LEU B 52 -4.05 3.66 11.58
CA LEU B 52 -4.55 5.01 11.33
C LEU B 52 -5.34 5.11 10.02
N GLU B 53 -4.83 4.49 8.95
CA GLU B 53 -5.52 4.52 7.67
C GLU B 53 -6.92 3.96 7.87
N LYS B 54 -6.97 2.81 8.54
CA LYS B 54 -8.19 2.09 8.83
C LYS B 54 -9.19 2.93 9.62
N VAL B 55 -8.69 3.72 10.55
CA VAL B 55 -9.52 4.57 11.41
C VAL B 55 -9.89 5.90 10.75
N LEU B 56 -9.00 6.44 9.93
CA LEU B 56 -9.26 7.73 9.30
C LEU B 56 -9.69 7.80 7.83
N LYS B 57 -9.49 6.72 7.08
CA LYS B 57 -9.85 6.71 5.66
C LYS B 57 -9.17 7.90 4.95
N ASP B 58 -9.95 8.68 4.20
CA ASP B 58 -9.39 9.81 3.47
C ASP B 58 -8.88 10.91 4.39
N LYS B 59 -9.23 10.80 5.67
CA LYS B 59 -8.79 11.77 6.67
C LYS B 59 -7.30 11.54 7.03
N PHE B 60 -6.80 10.35 6.75
CA PHE B 60 -5.42 9.99 7.05
C PHE B 60 -4.35 10.94 6.47
N ARG B 61 -3.40 11.32 7.32
CA ARG B 61 -2.30 12.18 6.93
C ARG B 61 -1.02 11.51 7.44
N GLU B 62 -0.01 11.39 6.57
CA GLU B 62 1.25 10.73 6.95
C GLU B 62 1.90 11.28 8.22
N GLU B 63 1.76 12.58 8.45
CA GLU B 63 2.33 13.17 9.64
C GLU B 63 1.65 12.70 10.92
N TYR B 64 0.54 11.96 10.79
CA TYR B 64 -0.14 11.49 11.99
C TYR B 64 0.61 10.29 12.58
N VAL B 65 1.20 9.49 11.70
CA VAL B 65 1.96 8.32 12.09
C VAL B 65 3.00 8.65 13.15
N GLU B 66 3.77 9.70 12.91
CA GLU B 66 4.82 10.14 13.82
C GLU B 66 4.25 10.66 15.13
N VAL B 67 3.02 11.16 15.11
CA VAL B 67 2.41 11.65 16.33
C VAL B 67 2.05 10.42 17.17
N PHE B 68 1.55 9.39 16.50
CA PHE B 68 1.18 8.14 17.19
C PHE B 68 2.43 7.43 17.70
N ARG B 69 3.43 7.27 16.83
CA ARG B 69 4.70 6.65 17.19
C ARG B 69 5.40 7.62 18.13
N LYS B 70 4.75 7.94 19.25
CA LYS B 70 5.32 8.91 20.16
C LYS B 70 4.50 8.95 21.43
N HIS B 71 3.18 8.93 21.28
CA HIS B 71 2.31 8.88 22.43
C HIS B 71 2.42 7.43 22.86
N TYR B 72 2.98 6.61 21.97
CA TYR B 72 3.17 5.19 22.24
C TYR B 72 4.53 4.91 22.85
N LEU B 73 5.59 5.39 22.21
CA LEU B 73 6.95 5.19 22.71
C LEU B 73 7.11 5.82 24.09
N GLU B 74 6.03 6.35 24.65
CA GLU B 74 6.02 6.97 25.97
C GLU B 74 5.35 6.09 27.00
N ASN B 75 4.41 5.28 26.54
CA ASN B 75 3.68 4.33 27.38
C ASN B 75 3.61 3.05 26.57
N PRO B 76 4.78 2.51 26.18
CA PRO B 76 4.86 1.29 25.38
C PRO B 76 4.31 0.11 26.16
N VAL B 77 4.56 0.12 27.46
CA VAL B 77 4.09 -0.97 28.30
C VAL B 77 3.48 -0.48 29.60
N VAL B 78 2.18 -0.65 29.71
CA VAL B 78 1.47 -0.26 30.91
C VAL B 78 0.59 -1.45 31.22
N TYR B 79 -0.30 -1.77 30.29
CA TYR B 79 -1.22 -2.90 30.44
C TYR B 79 -0.74 -4.12 29.66
N THR B 80 0.14 -3.89 28.68
CA THR B 80 0.69 -4.97 27.86
C THR B 80 1.50 -5.98 28.67
N LYS B 81 1.15 -7.26 28.49
CA LYS B 81 1.81 -8.38 29.16
C LYS B 81 1.99 -9.51 28.16
N PRO B 82 2.89 -10.45 28.43
CA PRO B 82 3.00 -11.50 27.43
C PRO B 82 1.76 -12.37 27.70
N TYR B 83 1.23 -13.01 26.67
CA TYR B 83 0.09 -13.89 26.85
C TYR B 83 0.47 -15.03 27.82
N PRO B 84 -0.51 -15.59 28.55
CA PRO B 84 -0.23 -16.69 29.49
C PRO B 84 0.47 -17.84 28.79
N GLU B 85 1.54 -18.37 29.41
CA GLU B 85 2.33 -19.49 28.89
C GLU B 85 3.48 -19.11 27.95
N ILE B 86 3.50 -17.88 27.45
CA ILE B 86 4.57 -17.46 26.54
C ILE B 86 5.96 -17.49 27.18
N PRO B 87 6.11 -16.96 28.42
CA PRO B 87 7.44 -17.01 29.01
C PRO B 87 7.94 -18.44 29.07
N TYR B 88 7.13 -19.34 29.66
CA TYR B 88 7.49 -20.75 29.74
C TYR B 88 7.84 -21.36 28.39
N THR B 89 7.03 -21.04 27.38
CA THR B 89 7.23 -21.61 26.05
C THR B 89 8.55 -21.22 25.38
N LEU B 90 8.91 -19.95 25.44
CA LEU B 90 10.16 -19.47 24.84
C LEU B 90 11.36 -20.14 25.52
N GLU B 91 11.36 -20.12 26.85
CA GLU B 91 12.40 -20.72 27.66
C GLU B 91 12.50 -22.21 27.35
N ALA B 92 11.37 -22.91 27.30
CA ALA B 92 11.42 -24.33 27.00
C ALA B 92 11.95 -24.57 25.59
N LEU B 93 11.47 -23.78 24.62
CA LEU B 93 11.90 -23.97 23.24
C LEU B 93 13.40 -23.72 23.13
N LYS B 94 13.86 -22.58 23.65
CA LYS B 94 15.27 -22.25 23.57
C LYS B 94 16.16 -23.30 24.24
N SER B 95 15.71 -23.88 25.36
CA SER B 95 16.51 -24.89 26.05
C SER B 95 16.54 -26.23 25.33
N LYS B 96 15.58 -26.45 24.44
CA LYS B 96 15.53 -27.68 23.65
C LYS B 96 16.39 -27.51 22.40
N GLY B 97 17.04 -26.34 22.29
CA GLY B 97 17.90 -26.06 21.16
C GLY B 97 17.25 -25.54 19.89
N PHE B 98 16.20 -24.72 20.04
CA PHE B 98 15.51 -24.15 18.89
C PHE B 98 15.90 -22.70 18.71
N LYS B 99 16.08 -22.27 17.48
CA LYS B 99 16.38 -20.87 17.25
C LYS B 99 15.03 -20.18 17.26
N LEU B 100 14.94 -19.07 17.98
CA LEU B 100 13.70 -18.31 18.08
C LEU B 100 13.93 -16.90 17.57
N ALA B 101 12.98 -16.36 16.83
CA ALA B 101 13.15 -15.01 16.33
C ALA B 101 11.81 -14.35 16.16
N VAL B 102 11.80 -13.03 16.27
CA VAL B 102 10.59 -12.23 16.09
C VAL B 102 10.66 -11.61 14.71
N VAL B 103 9.51 -11.30 14.13
CA VAL B 103 9.38 -10.71 12.81
C VAL B 103 8.04 -10.02 12.78
N SER B 104 8.00 -8.73 13.13
CA SER B 104 6.75 -7.98 13.16
C SER B 104 6.78 -6.82 12.16
N ASN B 105 5.62 -6.16 12.02
CA ASN B 105 5.49 -5.02 11.12
C ASN B 105 5.43 -3.76 11.97
N LYS B 106 5.99 -3.86 13.17
CA LYS B 106 6.03 -2.74 14.07
C LYS B 106 7.47 -2.22 14.01
N LEU B 107 7.64 -0.94 14.31
CA LEU B 107 8.94 -0.28 14.31
C LEU B 107 9.98 -1.11 15.09
N GLU B 108 11.02 -1.59 14.40
CA GLU B 108 12.06 -2.44 14.99
C GLU B 108 12.62 -1.99 16.34
N GLU B 109 13.27 -0.82 16.38
CA GLU B 109 13.83 -0.30 17.62
C GLU B 109 12.81 -0.44 18.74
N LEU B 110 11.54 -0.40 18.36
CA LEU B 110 10.42 -0.52 19.28
C LEU B 110 10.07 -1.97 19.59
N SER B 111 10.55 -2.90 18.77
CA SER B 111 10.28 -4.31 19.02
C SER B 111 11.07 -4.66 20.27
N LYS B 112 12.38 -4.41 20.22
CA LYS B 112 13.27 -4.68 21.33
C LYS B 112 12.87 -3.86 22.56
N LYS B 113 12.42 -2.63 22.34
CA LYS B 113 12.05 -1.77 23.46
C LYS B 113 10.91 -2.36 24.29
N ILE B 114 9.95 -3.00 23.64
CA ILE B 114 8.81 -3.58 24.35
C ILE B 114 9.20 -4.92 24.97
N LEU B 115 10.00 -5.69 24.24
CA LEU B 115 10.46 -7.00 24.69
C LEU B 115 11.49 -6.90 25.81
N ASP B 116 12.09 -5.73 25.97
CA ASP B 116 13.07 -5.53 27.04
C ASP B 116 12.32 -5.22 28.32
N ILE B 117 11.29 -4.39 28.22
CA ILE B 117 10.51 -4.05 29.38
C ILE B 117 9.78 -5.28 29.89
N LEU B 118 9.64 -6.29 29.02
CA LEU B 118 8.95 -7.52 29.40
C LEU B 118 9.86 -8.72 29.70
N ASN B 119 11.16 -8.58 29.46
CA ASN B 119 12.11 -9.65 29.75
C ASN B 119 12.04 -10.87 28.83
N LEU B 120 11.65 -10.66 27.58
CA LEU B 120 11.54 -11.77 26.62
C LEU B 120 12.62 -11.69 25.57
N SER B 121 13.20 -10.50 25.42
CA SER B 121 14.25 -10.25 24.44
C SER B 121 15.31 -11.34 24.36
N GLY B 122 15.93 -11.66 25.49
CA GLY B 122 16.98 -12.65 25.53
C GLY B 122 16.70 -14.02 24.95
N TYR B 123 15.44 -14.41 24.82
CA TYR B 123 15.11 -15.73 24.27
C TYR B 123 15.32 -15.82 22.77
N PHE B 124 15.20 -14.68 22.09
CA PHE B 124 15.31 -14.63 20.63
C PHE B 124 16.70 -14.40 20.04
N ASP B 125 17.05 -15.21 19.04
CA ASP B 125 18.33 -15.09 18.35
C ASP B 125 18.34 -13.90 17.39
N LEU B 126 17.17 -13.28 17.19
CA LEU B 126 17.04 -12.11 16.32
C LEU B 126 15.67 -11.46 16.43
N ILE B 127 15.62 -10.14 16.29
CA ILE B 127 14.37 -9.40 16.39
C ILE B 127 14.17 -8.47 15.19
N VAL B 128 13.50 -8.98 14.17
CA VAL B 128 13.24 -8.22 12.95
C VAL B 128 12.01 -7.32 13.08
N GLY B 129 12.15 -6.08 12.63
CA GLY B 129 11.05 -5.13 12.71
C GLY B 129 10.44 -4.79 11.35
N GLY B 130 9.34 -4.04 11.38
CA GLY B 130 8.67 -3.67 10.15
C GLY B 130 9.54 -2.83 9.22
N ASP B 131 10.70 -2.42 9.73
CA ASP B 131 11.61 -1.61 8.94
C ASP B 131 13.05 -2.09 8.91
N THR B 132 13.30 -3.34 9.28
CA THR B 132 14.67 -3.84 9.24
C THR B 132 15.12 -3.80 7.81
N PHE B 133 14.48 -4.60 6.97
CA PHE B 133 14.82 -4.66 5.56
C PHE B 133 13.86 -3.77 4.76
N GLY B 134 14.02 -3.79 3.44
CA GLY B 134 13.19 -2.94 2.58
C GLY B 134 11.74 -3.33 2.40
N GLU B 135 11.41 -4.59 2.69
CA GLU B 135 10.05 -5.11 2.54
C GLU B 135 9.48 -5.49 3.92
N LYS B 136 8.16 -5.42 4.11
CA LYS B 136 7.66 -5.82 5.42
C LYS B 136 6.97 -7.19 5.56
N LYS B 137 5.68 -7.35 5.34
CA LYS B 137 5.17 -8.70 5.58
C LYS B 137 4.50 -9.57 4.54
N PRO B 138 3.52 -9.06 3.78
CA PRO B 138 3.04 -10.10 2.86
C PRO B 138 4.18 -10.67 2.01
N SER B 139 5.29 -9.95 1.93
CA SER B 139 6.46 -10.38 1.15
C SER B 139 7.34 -11.39 1.87
N PRO B 140 8.01 -12.27 1.12
CA PRO B 140 8.87 -13.27 1.76
C PRO B 140 10.30 -12.84 2.07
N THR B 141 10.68 -11.60 1.74
CA THR B 141 12.06 -11.21 2.00
C THR B 141 12.46 -11.14 3.48
N PRO B 142 11.61 -10.55 4.35
CA PRO B 142 11.98 -10.49 5.76
C PRO B 142 12.08 -11.86 6.42
N VAL B 143 11.31 -12.81 5.93
CA VAL B 143 11.38 -14.15 6.50
C VAL B 143 12.63 -14.83 5.95
N LEU B 144 12.81 -14.72 4.64
CA LEU B 144 13.98 -15.32 3.99
C LEU B 144 15.30 -14.72 4.50
N LYS B 145 15.34 -13.40 4.66
CA LYS B 145 16.54 -12.73 5.15
C LYS B 145 16.80 -13.08 6.61
N THR B 146 15.74 -13.35 7.36
CA THR B 146 15.90 -13.72 8.76
C THR B 146 16.47 -15.13 8.80
N LEU B 147 15.92 -16.03 8.00
CA LEU B 147 16.44 -17.38 7.99
C LEU B 147 17.88 -17.38 7.45
N GLU B 148 18.22 -16.35 6.69
CA GLU B 148 19.57 -16.20 6.13
C GLU B 148 20.52 -16.06 7.30
N ILE B 149 20.29 -14.98 8.04
CA ILE B 149 21.07 -14.60 9.19
C ILE B 149 21.08 -15.64 10.31
N LEU B 150 20.20 -16.63 10.25
CA LEU B 150 20.15 -17.68 11.29
C LEU B 150 20.82 -18.98 10.86
N GLY B 151 20.92 -19.22 9.56
CA GLY B 151 21.56 -20.42 9.06
C GLY B 151 20.62 -21.60 8.84
N GLU B 152 19.35 -21.32 8.59
CA GLU B 152 18.37 -22.39 8.39
C GLU B 152 17.61 -22.31 7.07
N GLU B 153 17.19 -23.48 6.58
CA GLU B 153 16.41 -23.54 5.36
C GLU B 153 14.96 -23.34 5.74
N PRO B 154 14.16 -22.71 4.86
CA PRO B 154 12.74 -22.46 5.14
C PRO B 154 12.03 -23.75 5.53
N GLU B 155 12.54 -24.85 4.99
CA GLU B 155 11.98 -26.19 5.23
C GLU B 155 11.95 -26.62 6.70
N LYS B 156 12.62 -25.86 7.55
CA LYS B 156 12.69 -26.17 8.97
C LYS B 156 12.24 -25.01 9.82
N ALA B 157 11.45 -24.13 9.24
CA ALA B 157 10.99 -22.98 9.95
C ALA B 157 9.48 -23.02 10.09
N LEU B 158 9.01 -22.36 11.13
CA LEU B 158 7.59 -22.29 11.37
C LEU B 158 7.31 -20.86 11.74
N ILE B 159 6.31 -20.28 11.10
CA ILE B 159 5.94 -18.92 11.44
C ILE B 159 4.69 -19.04 12.30
N VAL B 160 4.65 -18.33 13.42
CA VAL B 160 3.51 -18.34 14.31
C VAL B 160 2.95 -16.92 14.38
N GLY B 161 1.73 -16.73 13.85
CA GLY B 161 1.08 -15.44 13.86
C GLY B 161 -0.42 -15.57 13.64
N ASP B 162 -1.09 -14.48 13.27
CA ASP B 162 -2.53 -14.54 13.02
C ASP B 162 -3.09 -13.58 11.99
N THR B 163 -2.30 -13.28 10.96
CA THR B 163 -2.78 -12.39 9.92
C THR B 163 -2.60 -13.12 8.60
N ASP B 164 -3.40 -12.76 7.60
CA ASP B 164 -3.29 -13.39 6.30
C ASP B 164 -1.86 -13.20 5.75
N ALA B 165 -1.22 -12.09 6.10
CA ALA B 165 0.11 -11.77 5.63
C ALA B 165 1.21 -12.73 6.12
N ASP B 166 1.11 -13.21 7.36
CA ASP B 166 2.13 -14.12 7.87
C ASP B 166 2.02 -15.45 7.16
N ILE B 167 0.81 -15.86 6.82
CA ILE B 167 0.59 -17.13 6.14
C ILE B 167 1.09 -17.10 4.70
N GLU B 168 0.94 -15.95 4.04
CA GLU B 168 1.37 -15.81 2.65
C GLU B 168 2.88 -15.73 2.60
N ALA B 169 3.45 -14.97 3.53
CA ALA B 169 4.89 -14.81 3.62
C ALA B 169 5.50 -16.19 3.80
N GLY B 170 4.98 -16.94 4.77
CA GLY B 170 5.48 -18.28 5.01
C GLY B 170 5.30 -19.15 3.79
N LYS B 171 4.13 -19.02 3.16
CA LYS B 171 3.83 -19.78 1.95
C LYS B 171 4.83 -19.37 0.89
N ARG B 172 4.89 -18.08 0.63
CA ARG B 172 5.81 -17.56 -0.37
C ARG B 172 7.23 -18.05 -0.10
N ALA B 173 7.68 -17.87 1.14
CA ALA B 173 9.02 -18.24 1.60
C ALA B 173 9.35 -19.73 1.65
N GLY B 174 8.36 -20.57 1.92
CA GLY B 174 8.62 -22.00 1.97
C GLY B 174 8.60 -22.60 3.37
N THR B 175 8.17 -21.83 4.36
CA THR B 175 8.11 -22.30 5.74
C THR B 175 6.76 -22.94 6.02
N LYS B 176 6.52 -23.28 7.29
CA LYS B 176 5.26 -23.83 7.71
C LYS B 176 4.58 -22.69 8.44
N THR B 177 3.27 -22.79 8.61
CA THR B 177 2.56 -21.74 9.31
C THR B 177 1.62 -22.33 10.32
N ALA B 178 1.40 -21.57 11.37
CA ALA B 178 0.53 -21.98 12.44
C ALA B 178 -0.24 -20.74 12.91
N LEU B 179 -1.52 -20.93 13.23
CA LEU B 179 -2.34 -19.84 13.74
C LEU B 179 -2.21 -19.83 15.25
N ALA B 180 -1.96 -18.67 15.84
CA ALA B 180 -1.91 -18.60 17.30
C ALA B 180 -3.35 -18.38 17.73
N LEU B 181 -4.07 -19.45 18.00
CA LEU B 181 -5.48 -19.35 18.38
C LEU B 181 -5.70 -18.54 19.66
N TRP B 182 -4.72 -18.56 20.56
CA TRP B 182 -4.79 -17.82 21.83
C TRP B 182 -4.68 -16.31 21.62
N GLY B 183 -4.19 -15.90 20.46
CA GLY B 183 -4.00 -14.47 20.21
C GLY B 183 -5.14 -13.77 19.51
N TYR B 184 -4.86 -12.61 18.92
CA TYR B 184 -5.88 -11.84 18.19
C TYR B 184 -5.96 -12.48 16.83
N VAL B 185 -6.98 -13.26 16.58
CA VAL B 185 -7.13 -13.89 15.28
C VAL B 185 -7.64 -12.82 14.30
N LYS B 186 -6.85 -12.55 13.26
CA LYS B 186 -7.22 -11.54 12.25
C LYS B 186 -7.22 -12.13 10.84
N LEU B 187 -7.16 -13.45 10.72
CA LEU B 187 -7.14 -14.08 9.41
C LEU B 187 -8.35 -13.63 8.63
N ASN B 188 -8.32 -13.80 7.32
CA ASN B 188 -9.46 -13.45 6.51
C ASN B 188 -9.74 -14.62 5.57
N SER B 189 -8.85 -14.82 4.60
CA SER B 189 -9.01 -15.90 3.62
C SER B 189 -7.94 -17.00 3.69
N GLN B 190 -6.85 -16.74 4.40
CA GLN B 190 -5.77 -17.72 4.47
C GLN B 190 -5.96 -18.91 5.42
N ILE B 191 -5.27 -20.00 5.12
CA ILE B 191 -5.33 -21.20 5.94
C ILE B 191 -3.90 -21.60 6.32
N PRO B 192 -3.60 -21.67 7.62
CA PRO B 192 -2.25 -22.04 8.05
C PRO B 192 -2.13 -23.55 8.00
N ASP B 193 -0.93 -24.06 8.21
CA ASP B 193 -0.71 -25.50 8.20
C ASP B 193 -1.23 -26.10 9.50
N PHE B 194 -0.95 -25.44 10.62
CA PHE B 194 -1.40 -25.91 11.93
C PHE B 194 -2.19 -24.86 12.69
N THR B 195 -2.81 -25.31 13.78
CA THR B 195 -3.54 -24.46 14.68
C THR B 195 -2.97 -24.73 16.06
N LEU B 196 -2.43 -23.71 16.72
CA LEU B 196 -1.88 -23.88 18.07
C LEU B 196 -2.87 -23.20 19.01
N SER B 197 -3.56 -23.95 19.86
CA SER B 197 -4.53 -23.30 20.73
C SER B 197 -3.92 -22.68 21.98
N ARG B 198 -2.83 -23.26 22.47
CA ARG B 198 -2.14 -22.73 23.65
C ARG B 198 -0.66 -22.64 23.32
N PRO B 199 0.04 -21.63 23.85
CA PRO B 199 1.46 -21.53 23.56
C PRO B 199 2.21 -22.82 23.92
N SER B 200 1.79 -23.49 25.00
CA SER B 200 2.47 -24.70 25.40
C SER B 200 2.30 -25.82 24.38
N ASP B 201 1.26 -25.73 23.54
CA ASP B 201 1.06 -26.76 22.54
C ASP B 201 2.22 -26.72 21.54
N LEU B 202 2.90 -25.58 21.45
CA LEU B 202 4.04 -25.43 20.54
C LEU B 202 5.16 -26.33 21.04
N VAL B 203 5.29 -26.44 22.35
CA VAL B 203 6.32 -27.31 22.91
C VAL B 203 5.95 -28.72 22.49
N LYS B 204 4.66 -29.03 22.57
CA LYS B 204 4.16 -30.36 22.17
C LYS B 204 4.41 -30.58 20.72
N LEU B 205 4.14 -29.54 19.96
CA LEU B 205 4.30 -29.63 18.50
C LEU B 205 5.72 -30.02 18.04
N ASP B 207 7.88 -31.81 19.59
CA ASP B 207 8.29 -32.91 20.46
C ASP B 207 8.32 -34.14 19.58
N ASN B 208 8.44 -35.31 20.17
CA ASN B 208 8.56 -36.43 19.26
C ASN B 208 8.08 -37.83 19.69
#